data_1GHS
#
_entry.id   1GHS
#
_cell.length_a   86.900
_cell.length_b   86.900
_cell.length_c   156.000
_cell.angle_alpha   90.00
_cell.angle_beta   90.00
_cell.angle_gamma   120.00
#
_symmetry.space_group_name_H-M   'P 32 2 1'
#
loop_
_entity.id
_entity.type
_entity.pdbx_description
1 polymer 1,3-BETA-GLUCANASE
2 water water
#
_entity_poly.entity_id   1
_entity_poly.type   'polypeptide(L)'
_entity_poly.pdbx_seq_one_letter_code
;IGVCYGVIGNNLPSRSDVVQLYRSKGINGMRIYFADGQALSALRNSGIGLILDIGNDQLANIAASTSNAASWVQNNVRPY
YPAVNIKYIAAGNEVQGGATQSILPAMRNLNAALSAAGLGAIKVSTSIRFDEVANSFPPSAGVFKNAYMTDVARLLASTG
APLLANVYPYFAYRDNPGSISLNYATFQPGTTVRDQNNGLTYTSLFDAMVDAVYAALEKAGAPAVKVVVSESGWPSAGGF
AASAGNARTYNQGLINHVGGGTPKKREALETYIFAMFNENQKTGDATERSFGLFNPDKSPAYNIQF
;
_entity_poly.pdbx_strand_id   A,B
#
# COMPACT_ATOMS: atom_id res chain seq x y z
N ILE A 1 -3.02 4.43 -14.08
CA ILE A 1 -1.78 4.10 -14.81
C ILE A 1 -0.77 5.27 -14.60
N GLY A 2 0.50 5.04 -14.98
CA GLY A 2 1.49 6.08 -14.83
C GLY A 2 1.99 6.69 -16.13
N VAL A 3 2.62 7.85 -16.07
CA VAL A 3 3.19 8.44 -17.25
C VAL A 3 4.60 8.90 -16.89
N CYS A 4 5.57 8.59 -17.76
CA CYS A 4 6.97 8.98 -17.54
C CYS A 4 7.02 10.46 -17.83
N TYR A 5 7.78 11.17 -17.00
CA TYR A 5 7.92 12.61 -17.13
C TYR A 5 9.32 13.06 -17.54
N GLY A 6 9.51 13.29 -18.84
CA GLY A 6 10.78 13.76 -19.37
C GLY A 6 10.79 15.28 -19.53
N VAL A 7 11.95 15.89 -19.31
CA VAL A 7 12.09 17.34 -19.38
C VAL A 7 13.16 17.80 -20.36
N ILE A 8 13.33 17.08 -21.47
CA ILE A 8 14.33 17.44 -22.48
C ILE A 8 13.70 18.23 -23.62
N GLY A 9 13.30 19.45 -23.30
CA GLY A 9 12.70 20.33 -24.25
C GLY A 9 12.86 21.73 -23.68
N ASN A 10 12.79 22.75 -24.53
CA ASN A 10 12.95 24.11 -24.05
C ASN A 10 11.61 24.85 -23.83
N ASN A 11 10.49 24.13 -23.86
CA ASN A 11 9.20 24.80 -23.76
C ASN A 11 8.11 24.11 -22.95
N LEU A 12 8.55 23.33 -21.96
CA LEU A 12 7.67 22.56 -21.09
C LEU A 12 7.16 23.38 -19.87
N PRO A 13 6.09 22.91 -19.18
CA PRO A 13 5.52 23.61 -18.02
C PRO A 13 6.35 23.53 -16.72
N SER A 14 6.00 24.34 -15.74
CA SER A 14 6.65 24.29 -14.42
C SER A 14 6.32 22.94 -13.74
N ARG A 15 7.22 22.44 -12.90
CA ARG A 15 6.97 21.17 -12.22
C ARG A 15 5.63 21.19 -11.53
N SER A 16 5.31 22.23 -10.80
CA SER A 16 4.02 22.24 -10.10
C SER A 16 2.81 22.24 -11.04
N ASP A 17 2.99 22.83 -12.23
CA ASP A 17 1.97 22.84 -13.26
C ASP A 17 1.78 21.40 -13.68
N VAL A 18 2.92 20.71 -13.82
CA VAL A 18 2.93 19.34 -14.28
C VAL A 18 2.18 18.41 -13.36
N VAL A 19 2.50 18.48 -12.08
CA VAL A 19 1.87 17.64 -11.04
C VAL A 19 0.36 17.83 -11.00
N GLN A 20 -0.03 19.07 -11.22
CA GLN A 20 -1.43 19.50 -11.25
C GLN A 20 -2.17 18.85 -12.43
N LEU A 21 -1.52 18.85 -13.59
CA LEU A 21 -2.07 18.25 -14.79
C LEU A 21 -2.31 16.78 -14.52
N TYR A 22 -1.35 16.13 -13.88
CA TYR A 22 -1.44 14.72 -13.53
C TYR A 22 -2.66 14.44 -12.66
N ARG A 23 -2.77 15.19 -11.56
CA ARG A 23 -3.90 15.00 -10.65
C ARG A 23 -5.22 15.30 -11.34
N SER A 24 -5.24 16.25 -12.28
CA SER A 24 -6.47 16.56 -13.00
C SER A 24 -6.91 15.40 -13.87
N LYS A 25 -5.98 14.85 -14.63
CA LYS A 25 -6.23 13.73 -15.53
C LYS A 25 -6.42 12.42 -14.82
N GLY A 26 -6.07 12.39 -13.54
CA GLY A 26 -6.23 11.18 -12.78
C GLY A 26 -5.13 10.16 -13.01
N ILE A 27 -3.94 10.65 -13.31
CA ILE A 27 -2.79 9.78 -13.52
C ILE A 27 -2.16 9.53 -12.15
N ASN A 28 -1.98 8.27 -11.77
CA ASN A 28 -1.42 7.98 -10.46
C ASN A 28 -0.01 7.41 -10.46
N GLY A 29 0.79 7.71 -11.47
CA GLY A 29 2.14 7.19 -11.48
C GLY A 29 3.06 8.10 -12.26
N MET A 30 4.28 8.26 -11.79
CA MET A 30 5.22 9.10 -12.50
C MET A 30 6.58 8.46 -12.43
N ARG A 31 7.32 8.55 -13.53
CA ARG A 31 8.68 8.09 -13.55
C ARG A 31 9.51 9.34 -13.84
N ILE A 32 10.61 9.57 -13.13
CA ILE A 32 11.45 10.72 -13.43
C ILE A 32 12.83 10.14 -13.60
N TYR A 33 13.60 10.71 -14.52
CA TYR A 33 14.91 10.22 -14.90
C TYR A 33 16.14 10.60 -14.13
N PHE A 34 15.97 11.44 -13.13
CA PHE A 34 17.07 11.83 -12.26
C PHE A 34 16.44 12.38 -11.01
N ALA A 35 17.25 12.63 -10.00
CA ALA A 35 16.72 13.19 -8.76
C ALA A 35 16.31 14.64 -9.01
N ASP A 36 15.20 14.88 -9.68
CA ASP A 36 14.77 16.26 -9.93
C ASP A 36 14.14 16.86 -8.65
N GLY A 37 14.87 17.74 -7.97
CA GLY A 37 14.35 18.36 -6.76
C GLY A 37 13.03 19.11 -6.91
N GLN A 38 12.90 19.88 -7.98
CA GLN A 38 11.67 20.61 -8.20
C GLN A 38 10.47 19.67 -8.41
N ALA A 39 10.68 18.52 -9.05
CA ALA A 39 9.59 17.55 -9.30
C ALA A 39 9.20 16.94 -7.96
N LEU A 40 10.22 16.49 -7.23
CA LEU A 40 10.06 15.87 -5.93
C LEU A 40 9.32 16.75 -4.94
N SER A 41 9.70 18.02 -4.82
CA SER A 41 9.03 18.94 -3.92
C SER A 41 7.59 19.10 -4.32
N ALA A 42 7.35 19.34 -5.60
CA ALA A 42 6.02 19.50 -6.11
C ALA A 42 5.18 18.25 -5.83
N LEU A 43 5.83 17.09 -5.72
CA LEU A 43 5.16 15.81 -5.50
C LEU A 43 4.68 15.47 -4.07
N ARG A 44 5.10 16.27 -3.10
CA ARG A 44 4.73 16.03 -1.71
C ARG A 44 3.20 15.91 -1.46
N ASN A 45 2.78 14.80 -0.87
CA ASN A 45 1.38 14.56 -0.59
C ASN A 45 0.41 14.60 -1.76
N SER A 46 0.93 14.41 -2.98
CA SER A 46 0.18 14.45 -4.23
C SER A 46 -0.54 13.14 -4.49
N GLY A 47 -0.12 12.11 -3.76
CA GLY A 47 -0.70 10.80 -3.91
C GLY A 47 -0.25 10.09 -5.19
N ILE A 48 0.79 10.58 -5.85
CA ILE A 48 1.24 9.93 -7.08
C ILE A 48 2.43 9.01 -6.79
N GLY A 49 2.31 7.74 -7.16
CA GLY A 49 3.39 6.79 -6.94
C GLY A 49 4.53 7.16 -7.87
N LEU A 50 5.76 6.92 -7.44
CA LEU A 50 6.90 7.31 -8.24
C LEU A 50 8.03 6.31 -8.45
N ILE A 51 8.57 6.27 -9.68
CA ILE A 51 9.78 5.49 -9.98
C ILE A 51 10.85 6.60 -10.07
N LEU A 52 11.89 6.50 -9.24
CA LEU A 52 12.99 7.47 -9.19
C LEU A 52 14.29 6.91 -9.72
N ASP A 53 14.66 7.31 -10.93
CA ASP A 53 15.92 6.84 -11.50
C ASP A 53 17.02 7.63 -10.83
N ILE A 54 18.16 6.99 -10.58
CA ILE A 54 19.28 7.69 -9.95
C ILE A 54 20.02 8.61 -10.95
N GLY A 55 20.05 8.20 -12.23
CA GLY A 55 20.76 8.95 -13.25
C GLY A 55 22.02 8.14 -13.58
N ASN A 56 22.24 7.77 -14.85
CA ASN A 56 23.40 6.95 -15.23
C ASN A 56 24.76 7.52 -14.84
N ASP A 57 24.81 8.84 -14.78
CA ASP A 57 26.03 9.57 -14.44
C ASP A 57 26.37 9.39 -12.96
N GLN A 58 25.42 8.82 -12.20
CA GLN A 58 25.57 8.58 -10.75
C GLN A 58 25.94 7.13 -10.48
N LEU A 59 25.77 6.28 -11.47
CA LEU A 59 26.04 4.87 -11.28
C LEU A 59 27.42 4.52 -10.68
N ALA A 60 28.49 5.08 -11.23
CA ALA A 60 29.82 4.77 -10.71
C ALA A 60 30.06 5.29 -9.32
N ASN A 61 29.45 6.41 -9.00
CA ASN A 61 29.64 7.04 -7.69
C ASN A 61 28.97 6.23 -6.61
N ILE A 62 27.77 5.77 -6.92
CA ILE A 62 27.00 4.96 -5.99
C ILE A 62 27.58 3.54 -5.88
N ALA A 63 28.09 3.01 -6.99
CA ALA A 63 28.67 1.68 -6.95
C ALA A 63 29.95 1.60 -6.07
N ALA A 64 30.63 2.72 -5.91
CA ALA A 64 31.88 2.76 -5.17
C ALA A 64 31.80 2.44 -3.70
N SER A 65 30.84 3.06 -3.02
CA SER A 65 30.71 2.86 -1.59
C SER A 65 29.32 3.06 -1.04
N THR A 66 29.08 2.49 0.14
CA THR A 66 27.82 2.63 0.81
C THR A 66 27.77 4.07 1.38
N SER A 67 28.91 4.66 1.75
CA SER A 67 28.82 6.04 2.20
C SER A 67 28.39 6.95 1.04
N ASN A 68 28.77 6.61 -0.20
CA ASN A 68 28.36 7.39 -1.36
C ASN A 68 26.82 7.24 -1.52
N ALA A 69 26.31 6.01 -1.47
CA ALA A 69 24.85 5.74 -1.57
C ALA A 69 24.06 6.36 -0.40
N ALA A 70 24.66 6.41 0.79
CA ALA A 70 23.97 7.00 1.97
C ALA A 70 23.79 8.50 1.77
N SER A 71 24.85 9.15 1.27
CA SER A 71 24.84 10.58 0.99
C SER A 71 23.77 10.88 -0.09
N TRP A 72 23.66 10.06 -1.12
CA TRP A 72 22.65 10.28 -2.14
C TRP A 72 21.27 10.15 -1.52
N VAL A 73 21.04 9.09 -0.76
CA VAL A 73 19.73 8.84 -0.10
C VAL A 73 19.37 10.02 0.84
N GLN A 74 20.36 10.50 1.57
CA GLN A 74 20.18 11.59 2.50
C GLN A 74 19.76 12.90 1.85
N ASN A 75 20.25 13.17 0.65
CA ASN A 75 19.94 14.41 -0.03
C ASN A 75 18.80 14.33 -0.97
N ASN A 76 18.63 13.19 -1.62
CA ASN A 76 17.64 13.03 -2.65
C ASN A 76 16.39 12.23 -2.37
N VAL A 77 16.37 11.52 -1.26
CA VAL A 77 15.23 10.69 -0.89
C VAL A 77 14.69 11.06 0.48
N ARG A 78 15.55 11.04 1.49
CA ARG A 78 15.18 11.38 2.88
C ARG A 78 14.36 12.69 3.04
N PRO A 79 14.64 13.72 2.23
CA PRO A 79 13.83 14.92 2.44
C PRO A 79 12.42 14.85 1.84
N TYR A 80 12.13 13.85 1.02
CA TYR A 80 10.81 13.82 0.39
C TYR A 80 9.87 12.70 0.81
N TYR A 81 10.44 11.62 1.32
CA TYR A 81 9.71 10.45 1.73
C TYR A 81 9.41 10.54 3.24
N PRO A 82 8.21 10.09 3.69
CA PRO A 82 7.11 9.50 2.92
C PRO A 82 6.04 10.37 2.22
N ALA A 83 6.18 11.69 2.29
CA ALA A 83 5.23 12.60 1.65
C ALA A 83 5.09 12.29 0.18
N VAL A 84 6.21 11.98 -0.46
CA VAL A 84 6.25 11.60 -1.86
C VAL A 84 6.26 10.07 -1.80
N ASN A 85 5.37 9.45 -2.54
CA ASN A 85 5.28 8.01 -2.51
C ASN A 85 6.26 7.33 -3.47
N ILE A 86 7.54 7.37 -3.13
CA ILE A 86 8.53 6.73 -4.00
C ILE A 86 8.39 5.23 -3.84
N LYS A 87 7.96 4.58 -4.88
CA LYS A 87 7.81 3.14 -4.83
C LYS A 87 9.09 2.39 -5.20
N TYR A 88 9.77 2.83 -6.26
CA TYR A 88 10.99 2.19 -6.74
C TYR A 88 12.11 3.15 -7.04
N ILE A 89 13.33 2.63 -7.07
CA ILE A 89 14.50 3.42 -7.43
C ILE A 89 15.21 2.58 -8.53
N ALA A 90 15.39 3.20 -9.68
CA ALA A 90 16.05 2.55 -10.81
C ALA A 90 17.53 2.95 -10.79
N ALA A 91 18.38 2.00 -10.41
CA ALA A 91 19.82 2.25 -10.38
C ALA A 91 20.34 2.04 -11.79
N GLY A 92 20.07 3.01 -12.66
CA GLY A 92 20.52 2.91 -14.03
C GLY A 92 19.38 2.65 -15.00
N ASN A 93 19.51 3.20 -16.21
CA ASN A 93 18.52 3.03 -17.25
C ASN A 93 19.22 2.64 -18.51
N GLU A 94 18.94 1.40 -18.95
CA GLU A 94 19.48 0.83 -20.16
C GLU A 94 20.99 1.03 -20.24
N VAL A 95 21.68 0.74 -19.15
CA VAL A 95 23.12 0.89 -19.14
C VAL A 95 23.80 -0.09 -20.12
N GLN A 96 24.86 0.38 -20.76
CA GLN A 96 25.58 -0.44 -21.73
C GLN A 96 27.09 -0.39 -21.56
N GLY A 97 27.76 -1.51 -21.80
CA GLY A 97 29.21 -1.54 -21.74
C GLY A 97 29.79 -2.03 -20.44
N GLY A 98 30.95 -1.49 -20.08
CA GLY A 98 31.56 -1.89 -18.83
C GLY A 98 30.78 -1.31 -17.65
N ALA A 99 29.88 -0.37 -17.97
CA ALA A 99 29.08 0.25 -16.94
C ALA A 99 28.15 -0.76 -16.32
N THR A 100 27.75 -1.76 -17.08
CA THR A 100 26.87 -2.79 -16.55
C THR A 100 27.55 -3.39 -15.32
N GLN A 101 28.87 -3.34 -15.28
CA GLN A 101 29.62 -3.87 -14.15
C GLN A 101 29.32 -3.14 -12.84
N SER A 102 28.69 -1.97 -12.94
CA SER A 102 28.39 -1.17 -11.77
C SER A 102 26.99 -1.33 -11.19
N ILE A 103 26.10 -1.90 -11.97
CA ILE A 103 24.72 -2.01 -11.55
C ILE A 103 24.44 -2.90 -10.33
N LEU A 104 25.16 -4.00 -10.17
CA LEU A 104 24.88 -4.84 -9.01
C LEU A 104 25.41 -4.24 -7.70
N PRO A 105 26.66 -3.74 -7.69
CA PRO A 105 27.19 -3.15 -6.47
C PRO A 105 26.48 -1.83 -6.06
N ALA A 106 25.93 -1.09 -7.02
CA ALA A 106 25.21 0.15 -6.72
C ALA A 106 23.85 -0.23 -6.12
N MET A 107 23.30 -1.34 -6.63
CA MET A 107 22.05 -1.91 -6.17
C MET A 107 22.17 -2.39 -4.73
N ARG A 108 23.28 -3.03 -4.42
CA ARG A 108 23.55 -3.52 -3.08
C ARG A 108 23.71 -2.31 -2.17
N ASN A 109 24.62 -1.43 -2.57
CA ASN A 109 24.91 -0.22 -1.84
C ASN A 109 23.66 0.61 -1.51
N LEU A 110 22.68 0.64 -2.38
CA LEU A 110 21.48 1.43 -2.13
C LEU A 110 20.60 0.67 -1.15
N ASN A 111 20.56 -0.66 -1.28
CA ASN A 111 19.77 -1.51 -0.37
C ASN A 111 20.28 -1.40 1.04
N ALA A 112 21.59 -1.24 1.18
CA ALA A 112 22.19 -1.14 2.52
C ALA A 112 21.90 0.20 3.16
N ALA A 113 21.93 1.23 2.33
CA ALA A 113 21.71 2.60 2.77
C ALA A 113 20.25 2.88 3.12
N LEU A 114 19.34 2.34 2.33
CA LEU A 114 17.92 2.50 2.57
C LEU A 114 17.60 1.77 3.89
N SER A 115 18.20 0.61 4.04
CA SER A 115 18.04 -0.19 5.22
C SER A 115 18.43 0.64 6.45
N ALA A 116 19.69 1.04 6.55
CA ALA A 116 20.11 1.82 7.70
C ALA A 116 19.34 3.11 7.89
N ALA A 117 18.77 3.65 6.82
CA ALA A 117 18.01 4.89 6.93
C ALA A 117 16.61 4.58 7.41
N GLY A 118 16.31 3.29 7.51
CA GLY A 118 15.01 2.89 7.95
C GLY A 118 13.98 3.08 6.85
N LEU A 119 14.42 3.07 5.58
CA LEU A 119 13.51 3.24 4.44
C LEU A 119 13.36 1.99 3.58
N GLY A 120 13.26 0.84 4.23
CA GLY A 120 13.15 -0.45 3.55
C GLY A 120 11.93 -0.75 2.71
N ALA A 121 10.93 0.13 2.72
CA ALA A 121 9.77 -0.09 1.90
C ALA A 121 10.16 0.21 0.45
N ILE A 122 10.96 1.26 0.24
CA ILE A 122 11.40 1.60 -1.08
C ILE A 122 12.21 0.44 -1.62
N LYS A 123 11.90 0.00 -2.84
CA LYS A 123 12.60 -1.12 -3.49
C LYS A 123 13.58 -0.68 -4.56
N VAL A 124 14.73 -1.37 -4.65
CA VAL A 124 15.80 -1.03 -5.61
C VAL A 124 15.90 -2.02 -6.79
N SER A 125 15.89 -1.49 -8.01
CA SER A 125 15.90 -2.33 -9.20
C SER A 125 16.76 -1.65 -10.28
N THR A 126 16.59 -2.07 -11.53
CA THR A 126 17.33 -1.47 -12.63
C THR A 126 16.42 -1.54 -13.87
N SER A 127 16.50 -0.50 -14.70
CA SER A 127 15.68 -0.43 -15.89
C SER A 127 16.38 -0.96 -17.14
N ILE A 128 15.77 -1.95 -17.78
CA ILE A 128 16.37 -2.51 -18.98
C ILE A 128 15.50 -2.36 -20.24
N ARG A 129 16.13 -2.56 -21.38
CA ARG A 129 15.43 -2.52 -22.63
C ARG A 129 15.31 -3.96 -23.10
N PHE A 130 14.29 -4.18 -23.89
CA PHE A 130 13.98 -5.47 -24.43
C PHE A 130 15.14 -6.19 -25.11
N ASP A 131 16.07 -5.43 -25.72
CA ASP A 131 17.21 -6.01 -26.45
C ASP A 131 18.19 -6.77 -25.53
N GLU A 132 17.81 -6.85 -24.26
CA GLU A 132 18.52 -7.59 -23.25
C GLU A 132 18.11 -9.05 -23.32
N VAL A 133 16.91 -9.28 -23.85
CA VAL A 133 16.28 -10.60 -23.98
C VAL A 133 16.39 -11.20 -25.37
N ALA A 134 17.05 -12.36 -25.48
CA ALA A 134 17.23 -13.08 -26.74
C ALA A 134 16.21 -14.19 -26.88
N ASN A 135 16.20 -14.79 -28.06
CA ASN A 135 15.27 -15.86 -28.43
C ASN A 135 13.87 -15.62 -27.89
N SER A 136 13.40 -14.40 -28.08
CA SER A 136 12.08 -13.97 -27.64
C SER A 136 10.92 -14.57 -28.42
N PHE A 137 11.21 -15.44 -29.38
CA PHE A 137 10.15 -16.10 -30.12
C PHE A 137 10.37 -17.61 -30.30
N PRO A 138 9.43 -18.43 -29.81
CA PRO A 138 8.21 -18.06 -29.12
C PRO A 138 8.62 -17.37 -27.83
N PRO A 139 7.70 -16.63 -27.18
CA PRO A 139 8.06 -15.94 -25.93
C PRO A 139 8.74 -16.87 -24.91
N SER A 140 8.30 -18.13 -24.90
CA SER A 140 8.81 -19.16 -24.01
C SER A 140 10.31 -19.46 -24.26
N ALA A 141 10.81 -18.98 -25.39
CA ALA A 141 12.21 -19.17 -25.74
C ALA A 141 13.10 -18.03 -25.21
N GLY A 142 12.48 -17.05 -24.55
CA GLY A 142 13.24 -15.93 -24.05
C GLY A 142 14.31 -16.28 -23.01
N VAL A 143 15.48 -15.69 -23.17
CA VAL A 143 16.62 -15.90 -22.28
C VAL A 143 17.52 -14.64 -22.27
N PHE A 144 18.03 -14.24 -21.10
CA PHE A 144 18.89 -13.06 -21.01
C PHE A 144 20.17 -13.37 -21.72
N LYS A 145 20.53 -12.51 -22.68
CA LYS A 145 21.76 -12.70 -23.45
C LYS A 145 23.04 -12.32 -22.68
N ASN A 146 22.94 -11.37 -21.75
CA ASN A 146 24.11 -10.95 -20.97
C ASN A 146 24.22 -11.66 -19.63
N ALA A 147 25.44 -12.02 -19.26
CA ALA A 147 25.67 -12.74 -17.99
C ALA A 147 25.28 -11.99 -16.70
N TYR A 148 25.58 -10.69 -16.67
CA TYR A 148 25.29 -9.83 -15.53
C TYR A 148 23.80 -9.78 -15.15
N MET A 149 22.93 -9.98 -16.12
CA MET A 149 21.51 -9.97 -15.85
C MET A 149 21.04 -11.14 -14.99
N THR A 150 21.82 -12.21 -14.89
CA THR A 150 21.39 -13.31 -14.03
C THR A 150 21.67 -12.88 -12.60
N ASP A 151 22.85 -12.27 -12.40
CA ASP A 151 23.28 -11.76 -11.11
C ASP A 151 22.18 -10.83 -10.56
N VAL A 152 21.67 -9.98 -11.44
CA VAL A 152 20.64 -9.01 -11.07
C VAL A 152 19.33 -9.71 -10.75
N ALA A 153 18.90 -10.65 -11.57
CA ALA A 153 17.62 -11.33 -11.32
C ALA A 153 17.60 -12.00 -9.95
N ARG A 154 18.73 -12.57 -9.57
CA ARG A 154 18.88 -13.25 -8.30
C ARG A 154 18.81 -12.28 -7.13
N LEU A 155 19.41 -11.11 -7.28
CA LEU A 155 19.36 -10.11 -6.24
C LEU A 155 17.92 -9.61 -6.12
N LEU A 156 17.24 -9.41 -7.25
CA LEU A 156 15.84 -8.95 -7.20
C LEU A 156 14.96 -10.00 -6.51
N ALA A 157 15.23 -11.27 -6.82
CA ALA A 157 14.51 -12.39 -6.26
C ALA A 157 14.58 -12.37 -4.74
N SER A 158 15.80 -12.29 -4.19
CA SER A 158 15.99 -12.30 -2.74
C SER A 158 15.53 -11.05 -2.04
N THR A 159 15.51 -9.91 -2.75
CA THR A 159 15.10 -8.65 -2.16
C THR A 159 13.61 -8.33 -2.33
N GLY A 160 12.91 -9.12 -3.12
CA GLY A 160 11.51 -8.83 -3.31
C GLY A 160 11.26 -7.58 -4.12
N ALA A 161 12.21 -7.22 -5.00
CA ALA A 161 12.09 -6.07 -5.86
C ALA A 161 11.73 -6.57 -7.26
N PRO A 162 10.95 -5.79 -8.04
CA PRO A 162 10.59 -6.25 -9.38
C PRO A 162 11.58 -5.75 -10.39
N LEU A 163 11.43 -6.17 -11.63
CA LEU A 163 12.29 -5.75 -12.73
C LEU A 163 11.54 -4.70 -13.54
N LEU A 164 12.18 -3.60 -13.89
CA LEU A 164 11.51 -2.58 -14.66
C LEU A 164 11.97 -2.78 -16.12
N ALA A 165 11.01 -2.96 -17.03
CA ALA A 165 11.30 -3.18 -18.46
C ALA A 165 10.72 -2.14 -19.43
N ASN A 166 11.55 -1.61 -20.32
CA ASN A 166 11.12 -0.63 -21.36
C ASN A 166 10.68 -1.44 -22.58
N VAL A 167 9.37 -1.65 -22.71
CA VAL A 167 8.79 -2.43 -23.80
C VAL A 167 8.05 -1.56 -24.80
N TYR A 168 8.48 -1.63 -26.05
CA TYR A 168 7.89 -0.86 -27.14
C TYR A 168 7.55 -1.71 -28.34
N PRO A 169 6.28 -2.11 -28.50
CA PRO A 169 5.95 -2.93 -29.67
C PRO A 169 6.24 -2.15 -30.98
N TYR A 170 6.25 -0.81 -30.88
CA TYR A 170 6.49 0.06 -32.03
C TYR A 170 7.82 -0.22 -32.69
N PHE A 171 8.87 -0.36 -31.89
CA PHE A 171 10.19 -0.60 -32.44
C PHE A 171 10.28 -1.98 -33.09
N ALA A 172 9.59 -2.95 -32.50
CA ALA A 172 9.60 -4.29 -33.05
C ALA A 172 8.91 -4.22 -34.41
N TYR A 173 7.73 -3.62 -34.42
CA TYR A 173 6.95 -3.46 -35.62
C TYR A 173 7.70 -2.68 -36.70
N ARG A 174 8.23 -1.51 -36.32
CA ARG A 174 8.94 -0.65 -37.26
C ARG A 174 10.05 -1.42 -37.97
N ASP A 175 10.84 -2.16 -37.21
CA ASP A 175 11.91 -2.96 -37.78
C ASP A 175 11.41 -4.07 -38.69
N ASN A 176 10.30 -4.70 -38.29
CA ASN A 176 9.73 -5.82 -39.05
C ASN A 176 8.31 -5.72 -39.56
N PRO A 177 8.01 -4.69 -40.40
CA PRO A 177 6.69 -4.44 -40.97
C PRO A 177 6.19 -5.62 -41.80
N GLY A 178 7.11 -6.33 -42.41
CA GLY A 178 6.74 -7.48 -43.22
C GLY A 178 6.20 -8.61 -42.35
N SER A 179 6.94 -9.00 -41.31
CA SER A 179 6.49 -10.12 -40.47
C SER A 179 5.46 -9.76 -39.43
N ILE A 180 5.39 -8.48 -39.05
CA ILE A 180 4.44 -8.02 -38.01
C ILE A 180 3.33 -7.08 -38.53
N SER A 181 2.07 -7.39 -38.17
CA SER A 181 0.93 -6.57 -38.60
C SER A 181 0.58 -5.45 -37.63
N LEU A 182 0.16 -4.30 -38.16
CA LEU A 182 -0.18 -3.15 -37.32
C LEU A 182 -1.25 -3.48 -36.26
N ASN A 183 -2.14 -4.39 -36.61
CA ASN A 183 -3.18 -4.78 -35.69
C ASN A 183 -2.57 -5.39 -34.42
N TYR A 184 -1.76 -6.44 -34.64
CA TYR A 184 -1.07 -7.16 -33.59
C TYR A 184 -0.27 -6.18 -32.73
N ALA A 185 0.32 -5.21 -33.40
CA ALA A 185 1.10 -4.20 -32.74
C ALA A 185 0.25 -3.22 -31.89
N THR A 186 -0.87 -2.76 -32.41
CA THR A 186 -1.68 -1.76 -31.73
C THR A 186 -2.86 -2.26 -30.93
N PHE A 187 -2.86 -3.55 -30.62
CA PHE A 187 -3.95 -4.17 -29.84
C PHE A 187 -5.24 -4.30 -30.61
N GLN A 188 -5.16 -4.73 -31.86
CA GLN A 188 -6.37 -4.90 -32.66
C GLN A 188 -6.57 -6.33 -33.12
N PRO A 189 -7.84 -6.80 -33.12
CA PRO A 189 -8.23 -8.15 -33.52
C PRO A 189 -7.67 -8.51 -34.89
N GLY A 190 -7.30 -9.78 -35.05
CA GLY A 190 -6.76 -10.19 -36.32
C GLY A 190 -5.71 -11.29 -36.32
N THR A 191 -4.70 -11.16 -35.47
CA THR A 191 -3.61 -12.14 -35.41
C THR A 191 -3.61 -12.99 -34.14
N THR A 192 -3.20 -14.25 -34.30
CA THR A 192 -3.12 -15.24 -33.20
C THR A 192 -1.86 -16.08 -33.37
N VAL A 193 -0.97 -16.02 -32.39
CA VAL A 193 0.27 -16.77 -32.41
C VAL A 193 0.20 -17.72 -31.25
N ARG A 194 0.59 -18.97 -31.45
CA ARG A 194 0.53 -19.93 -30.34
C ARG A 194 1.93 -20.33 -29.90
N ASP A 195 2.21 -20.18 -28.61
CA ASP A 195 3.51 -20.59 -28.11
C ASP A 195 3.44 -22.09 -28.01
N GLN A 196 4.20 -22.78 -28.86
CA GLN A 196 4.18 -24.24 -28.87
C GLN A 196 4.62 -24.86 -27.55
N ASN A 197 5.70 -24.32 -26.98
CA ASN A 197 6.28 -24.80 -25.74
C ASN A 197 5.29 -24.95 -24.61
N ASN A 198 4.40 -23.99 -24.42
CA ASN A 198 3.44 -24.08 -23.32
C ASN A 198 2.00 -24.00 -23.77
N GLY A 199 1.83 -23.85 -25.08
CA GLY A 199 0.51 -23.77 -25.67
C GLY A 199 -0.31 -22.52 -25.42
N LEU A 200 0.30 -21.44 -24.95
CA LEU A 200 -0.50 -20.24 -24.74
C LEU A 200 -0.71 -19.51 -26.07
N THR A 201 -1.81 -18.78 -26.17
CA THR A 201 -2.11 -18.04 -27.38
C THR A 201 -1.86 -16.55 -27.23
N TYR A 202 -1.40 -15.94 -28.31
CA TYR A 202 -1.09 -14.51 -28.30
C TYR A 202 -1.80 -13.72 -29.39
N THR A 203 -2.45 -12.67 -28.98
CA THR A 203 -3.15 -11.81 -29.90
C THR A 203 -2.55 -10.42 -29.94
N SER A 204 -1.57 -10.12 -29.06
CA SER A 204 -0.95 -8.80 -29.08
C SER A 204 0.55 -8.88 -28.88
N LEU A 205 1.26 -8.03 -29.62
CA LEU A 205 2.72 -7.96 -29.57
C LEU A 205 3.20 -7.60 -28.17
N PHE A 206 2.41 -6.78 -27.46
CA PHE A 206 2.74 -6.38 -26.11
C PHE A 206 2.87 -7.63 -25.21
N ASP A 207 1.81 -8.43 -25.16
CA ASP A 207 1.83 -9.64 -24.34
C ASP A 207 3.00 -10.53 -24.66
N ALA A 208 3.15 -10.84 -25.94
CA ALA A 208 4.24 -11.69 -26.41
C ALA A 208 5.59 -11.18 -25.87
N MET A 209 5.81 -9.87 -25.90
CA MET A 209 7.06 -9.26 -25.38
C MET A 209 7.26 -9.36 -23.86
N VAL A 210 6.27 -8.95 -23.09
CA VAL A 210 6.34 -9.04 -21.63
C VAL A 210 6.60 -10.51 -21.19
N ASP A 211 5.86 -11.46 -21.77
CA ASP A 211 6.02 -12.86 -21.45
C ASP A 211 7.38 -13.44 -21.79
N ALA A 212 8.09 -12.76 -22.69
CA ALA A 212 9.44 -13.16 -23.07
C ALA A 212 10.38 -12.76 -21.90
N VAL A 213 10.09 -11.63 -21.25
CA VAL A 213 10.87 -11.19 -20.11
C VAL A 213 10.65 -12.16 -18.96
N TYR A 214 9.42 -12.61 -18.79
CA TYR A 214 9.09 -13.59 -17.77
C TYR A 214 9.80 -14.93 -18.08
N ALA A 215 9.90 -15.27 -19.34
CA ALA A 215 10.58 -16.52 -19.71
C ALA A 215 12.00 -16.43 -19.20
N ALA A 216 12.67 -15.35 -19.60
CA ALA A 216 14.07 -15.06 -19.25
C ALA A 216 14.31 -15.04 -17.73
N LEU A 217 13.37 -14.44 -16.99
CA LEU A 217 13.48 -14.36 -15.53
C LEU A 217 13.53 -15.74 -14.94
N GLU A 218 12.58 -16.58 -15.34
CA GLU A 218 12.49 -17.95 -14.87
C GLU A 218 13.77 -18.71 -15.12
N LYS A 219 14.30 -18.62 -16.33
CA LYS A 219 15.57 -19.29 -16.65
C LYS A 219 16.71 -18.78 -15.78
N ALA A 220 16.67 -17.51 -15.40
CA ALA A 220 17.72 -16.91 -14.60
C ALA A 220 17.67 -17.43 -13.19
N GLY A 221 16.59 -18.11 -12.85
CA GLY A 221 16.41 -18.65 -11.53
C GLY A 221 15.57 -17.70 -10.71
N ALA A 222 14.84 -16.79 -11.36
CA ALA A 222 14.00 -15.81 -10.64
C ALA A 222 12.53 -15.88 -11.08
N PRO A 223 11.87 -17.00 -10.78
CA PRO A 223 10.45 -17.24 -11.14
C PRO A 223 9.41 -16.32 -10.53
N ALA A 224 9.51 -16.01 -9.24
CA ALA A 224 8.51 -15.16 -8.61
C ALA A 224 8.71 -13.64 -8.77
N VAL A 225 9.72 -13.25 -9.55
CA VAL A 225 10.01 -11.83 -9.77
C VAL A 225 8.96 -11.21 -10.70
N LYS A 226 8.43 -10.05 -10.31
CA LYS A 226 7.44 -9.35 -11.10
C LYS A 226 8.13 -8.37 -12.04
N VAL A 227 7.39 -7.96 -13.07
CA VAL A 227 7.85 -7.03 -14.08
C VAL A 227 6.97 -5.79 -14.00
N VAL A 228 7.61 -4.62 -13.99
CA VAL A 228 6.95 -3.33 -14.02
C VAL A 228 7.34 -2.78 -15.44
N VAL A 229 6.38 -2.49 -16.31
CA VAL A 229 6.71 -1.98 -17.65
C VAL A 229 7.05 -0.53 -17.42
N SER A 230 8.34 -0.24 -17.31
CA SER A 230 8.77 1.11 -17.01
C SER A 230 8.75 2.13 -18.15
N GLU A 231 8.35 1.68 -19.35
CA GLU A 231 8.23 2.53 -20.54
C GLU A 231 7.55 1.79 -21.65
N SER A 232 6.61 2.46 -22.30
CA SER A 232 5.91 1.93 -23.46
C SER A 232 5.18 3.15 -24.09
N GLY A 233 5.23 3.26 -25.41
CA GLY A 233 4.58 4.40 -26.07
C GLY A 233 4.62 4.30 -27.59
N TRP A 234 4.04 5.27 -28.28
CA TRP A 234 3.99 5.27 -29.74
C TRP A 234 4.07 6.73 -30.16
N PRO A 235 5.01 7.06 -31.06
CA PRO A 235 5.21 8.44 -31.55
C PRO A 235 4.17 8.94 -32.52
N SER A 236 3.83 10.21 -32.39
CA SER A 236 2.81 10.85 -33.23
C SER A 236 3.34 11.48 -34.52
N ALA A 237 4.66 11.52 -34.70
CA ALA A 237 5.31 12.10 -35.90
C ALA A 237 6.80 11.78 -35.92
N GLY A 238 7.47 12.13 -37.01
CA GLY A 238 8.90 11.95 -37.17
C GLY A 238 9.45 10.69 -37.83
N GLY A 239 8.56 9.82 -38.31
CA GLY A 239 9.02 8.61 -38.95
C GLY A 239 7.90 7.66 -39.34
N PHE A 240 8.30 6.42 -39.65
CA PHE A 240 7.42 5.36 -40.10
C PHE A 240 6.40 4.92 -39.08
N ALA A 241 5.13 4.98 -39.48
CA ALA A 241 3.96 4.61 -38.69
C ALA A 241 3.65 5.59 -37.57
N ALA A 242 4.40 6.69 -37.50
CA ALA A 242 4.18 7.69 -36.48
C ALA A 242 3.03 8.60 -36.88
N SER A 243 1.94 8.56 -36.13
CA SER A 243 0.81 9.41 -36.43
C SER A 243 -0.07 9.45 -35.20
N ALA A 244 -0.90 10.47 -35.09
CA ALA A 244 -1.78 10.61 -33.94
C ALA A 244 -2.76 9.45 -33.83
N GLY A 245 -3.32 9.02 -34.96
CA GLY A 245 -4.26 7.92 -34.93
C GLY A 245 -3.60 6.68 -34.39
N ASN A 246 -2.38 6.39 -34.91
CA ASN A 246 -1.62 5.23 -34.44
C ASN A 246 -1.21 5.37 -32.96
N ALA A 247 -0.74 6.55 -32.58
CA ALA A 247 -0.34 6.82 -31.21
C ALA A 247 -1.57 6.77 -30.26
N ARG A 248 -2.73 7.29 -30.70
CA ARG A 248 -3.96 7.29 -29.89
C ARG A 248 -4.37 5.84 -29.71
N THR A 249 -4.48 5.14 -30.84
CA THR A 249 -4.86 3.74 -30.84
C THR A 249 -3.98 2.88 -29.91
N TYR A 250 -2.65 3.00 -30.01
CA TYR A 250 -1.75 2.20 -29.15
C TYR A 250 -1.93 2.47 -27.63
N ASN A 251 -1.78 3.73 -27.23
CA ASN A 251 -1.88 4.15 -25.84
C ASN A 251 -3.22 3.86 -25.19
N GLN A 252 -4.32 4.26 -25.82
CA GLN A 252 -5.64 3.99 -25.26
C GLN A 252 -5.78 2.49 -25.18
N GLY A 253 -5.30 1.82 -26.22
CA GLY A 253 -5.38 0.38 -26.27
C GLY A 253 -4.68 -0.21 -25.06
N LEU A 254 -3.48 0.34 -24.79
CA LEU A 254 -2.59 -0.08 -23.69
C LEU A 254 -3.29 0.11 -22.35
N ILE A 255 -3.85 1.29 -22.13
CA ILE A 255 -4.56 1.63 -20.93
C ILE A 255 -5.72 0.68 -20.67
N ASN A 256 -6.41 0.29 -21.73
CA ASN A 256 -7.55 -0.59 -21.57
C ASN A 256 -7.16 -2.03 -21.51
N HIS A 257 -5.88 -2.33 -21.58
CA HIS A 257 -5.44 -3.72 -21.62
C HIS A 257 -4.73 -4.31 -20.42
N VAL A 258 -3.79 -3.52 -19.87
CA VAL A 258 -2.92 -3.93 -18.77
C VAL A 258 -3.62 -4.48 -17.50
N GLY A 259 -4.85 -4.06 -17.29
CA GLY A 259 -5.60 -4.53 -16.14
C GLY A 259 -5.91 -6.02 -16.15
N GLY A 260 -5.67 -6.67 -17.28
CA GLY A 260 -5.91 -8.10 -17.38
C GLY A 260 -4.63 -8.93 -17.44
N GLY A 261 -3.48 -8.28 -17.32
CA GLY A 261 -2.25 -9.05 -17.38
C GLY A 261 -1.99 -9.65 -18.75
N THR A 262 -1.31 -10.80 -18.76
CA THR A 262 -0.93 -11.52 -19.97
C THR A 262 -1.22 -13.01 -19.77
N PRO A 263 -1.06 -13.83 -20.84
CA PRO A 263 -1.31 -15.28 -20.74
C PRO A 263 -0.46 -16.01 -19.68
N LYS A 264 0.74 -15.53 -19.40
CA LYS A 264 1.56 -16.16 -18.37
C LYS A 264 1.15 -15.73 -16.95
N LYS A 265 0.72 -14.48 -16.81
CA LYS A 265 0.33 -13.91 -15.53
C LYS A 265 -0.86 -12.96 -15.69
N ARG A 266 -2.04 -13.46 -15.34
CA ARG A 266 -3.25 -12.68 -15.45
C ARG A 266 -3.52 -11.63 -14.39
N GLU A 267 -2.47 -11.14 -13.70
CA GLU A 267 -2.66 -10.12 -12.67
C GLU A 267 -2.49 -8.80 -13.38
N ALA A 268 -3.00 -7.72 -12.82
CA ALA A 268 -2.83 -6.43 -13.45
C ALA A 268 -1.34 -6.16 -13.51
N LEU A 269 -0.90 -5.58 -14.63
CA LEU A 269 0.52 -5.25 -14.84
C LEU A 269 0.82 -3.77 -14.64
N GLU A 270 1.74 -3.42 -13.73
CA GLU A 270 2.07 -1.99 -13.51
C GLU A 270 2.82 -1.48 -14.73
N THR A 271 2.30 -0.39 -15.31
CA THR A 271 2.81 0.16 -16.55
C THR A 271 2.91 1.69 -16.58
N TYR A 272 3.99 2.20 -17.21
CA TYR A 272 4.20 3.65 -17.35
C TYR A 272 4.27 4.04 -18.81
N ILE A 273 3.35 4.88 -19.25
CA ILE A 273 3.33 5.34 -20.64
C ILE A 273 4.41 6.41 -20.85
N PHE A 274 5.15 6.28 -21.94
CA PHE A 274 6.22 7.20 -22.32
C PHE A 274 5.72 8.07 -23.49
N ALA A 275 5.52 9.38 -23.35
CA ALA A 275 5.71 10.18 -22.14
C ALA A 275 4.67 11.30 -22.08
N MET A 276 4.69 12.10 -21.01
CA MET A 276 3.75 13.21 -20.82
C MET A 276 3.78 14.29 -21.91
N PHE A 277 4.94 14.87 -22.22
CA PHE A 277 5.05 15.91 -23.27
C PHE A 277 6.12 15.53 -24.27
N ASN A 278 6.05 16.12 -25.46
CA ASN A 278 7.04 15.90 -26.52
C ASN A 278 8.30 16.64 -26.05
N GLU A 279 9.47 16.01 -26.17
CA GLU A 279 10.72 16.63 -25.74
C GLU A 279 11.48 17.13 -26.99
N ASN A 280 11.26 18.40 -27.32
CA ASN A 280 11.86 19.02 -28.51
C ASN A 280 13.37 19.10 -28.62
N GLN A 281 14.09 18.53 -27.68
CA GLN A 281 15.53 18.61 -27.68
C GLN A 281 16.26 17.27 -27.64
N LYS A 282 15.52 16.20 -27.89
CA LYS A 282 16.11 14.88 -27.87
C LYS A 282 16.90 14.64 -29.15
N THR A 283 17.93 13.80 -29.08
CA THR A 283 18.69 13.46 -30.26
C THR A 283 18.24 12.09 -30.74
N GLY A 284 18.95 11.49 -31.68
CA GLY A 284 18.53 10.20 -32.19
C GLY A 284 17.47 10.40 -33.27
N ASP A 285 16.63 9.39 -33.50
CA ASP A 285 15.60 9.47 -34.53
C ASP A 285 14.54 10.54 -34.29
N ALA A 286 14.05 11.13 -35.38
CA ALA A 286 13.03 12.18 -35.31
C ALA A 286 11.82 11.86 -34.40
N THR A 287 11.52 10.59 -34.25
CA THR A 287 10.40 10.15 -33.42
C THR A 287 10.58 10.47 -31.94
N GLU A 288 11.83 10.49 -31.47
CA GLU A 288 12.13 10.79 -30.06
C GLU A 288 11.47 12.07 -29.58
N ARG A 289 11.28 13.04 -30.49
CA ARG A 289 10.69 14.34 -30.14
C ARG A 289 9.18 14.34 -30.23
N SER A 290 8.59 13.18 -30.44
CA SER A 290 7.16 13.10 -30.58
C SER A 290 6.49 11.96 -29.83
N PHE A 291 6.94 11.67 -28.60
CA PHE A 291 6.31 10.59 -27.85
C PHE A 291 5.23 11.06 -26.86
N GLY A 292 5.03 12.37 -26.76
CA GLY A 292 4.07 12.93 -25.81
C GLY A 292 2.57 12.76 -25.96
N LEU A 293 1.90 12.60 -24.81
CA LEU A 293 0.44 12.49 -24.78
C LEU A 293 -0.12 13.94 -24.82
N PHE A 294 0.68 14.88 -24.35
CA PHE A 294 0.33 16.30 -24.28
C PHE A 294 1.29 17.20 -25.06
N ASN A 295 0.81 18.37 -25.44
CA ASN A 295 1.65 19.31 -26.14
C ASN A 295 2.28 20.18 -25.05
N PRO A 296 3.50 20.71 -25.29
CA PRO A 296 4.18 21.54 -24.31
C PRO A 296 3.29 22.52 -23.59
N ASP A 297 2.34 23.10 -24.30
CA ASP A 297 1.40 24.04 -23.71
C ASP A 297 0.24 23.39 -22.97
N LYS A 298 0.44 22.17 -22.47
CA LYS A 298 -0.62 21.48 -21.75
C LYS A 298 -1.88 21.04 -22.54
N SER A 299 -1.87 21.19 -23.86
CA SER A 299 -3.00 20.77 -24.69
C SER A 299 -2.83 19.30 -25.14
N PRO A 300 -3.91 18.52 -25.15
CA PRO A 300 -3.85 17.11 -25.56
C PRO A 300 -3.32 16.91 -26.96
N ALA A 301 -2.28 16.09 -27.10
CA ALA A 301 -1.74 15.79 -28.43
C ALA A 301 -2.86 15.09 -29.20
N TYR A 302 -3.55 14.16 -28.54
CA TYR A 302 -4.70 13.44 -29.09
C TYR A 302 -5.54 13.08 -27.87
N ASN A 303 -6.79 12.62 -28.03
CA ASN A 303 -7.61 12.29 -26.86
C ASN A 303 -7.38 10.92 -26.25
N ILE A 304 -7.10 10.91 -24.95
CA ILE A 304 -6.87 9.66 -24.19
C ILE A 304 -7.62 9.75 -22.88
N GLN A 305 -8.46 8.76 -22.58
CA GLN A 305 -9.19 8.75 -21.30
C GLN A 305 -8.40 7.83 -20.36
N PHE A 306 -7.88 8.39 -19.28
CA PHE A 306 -7.06 7.63 -18.35
C PHE A 306 -7.83 6.74 -17.35
N ILE B 1 -13.59 7.17 26.65
CA ILE B 1 -13.37 6.56 25.32
C ILE B 1 -11.89 6.20 25.24
N GLY B 2 -11.53 5.24 24.39
CA GLY B 2 -10.14 4.86 24.25
C GLY B 2 -9.53 5.61 23.08
N VAL B 3 -8.21 5.65 23.00
CA VAL B 3 -7.51 6.31 21.90
C VAL B 3 -6.23 5.52 21.61
N CYS B 4 -6.08 5.11 20.35
CA CYS B 4 -4.91 4.39 19.89
C CYS B 4 -3.68 5.31 19.87
N TYR B 5 -2.57 4.82 20.40
CA TYR B 5 -1.35 5.60 20.51
C TYR B 5 -0.28 5.10 19.55
N GLY B 6 -0.17 5.80 18.43
CA GLY B 6 0.81 5.48 17.40
C GLY B 6 2.02 6.39 17.54
N VAL B 7 3.18 5.77 17.51
CA VAL B 7 4.46 6.43 17.64
C VAL B 7 5.30 6.48 16.34
N ILE B 8 4.67 6.35 15.18
CA ILE B 8 5.41 6.38 13.91
C ILE B 8 5.55 7.81 13.36
N GLY B 9 6.27 8.63 14.11
CA GLY B 9 6.50 10.01 13.73
C GLY B 9 7.94 10.32 14.08
N ASN B 10 8.48 11.46 13.66
CA ASN B 10 9.85 11.75 14.02
C ASN B 10 9.91 12.97 14.87
N ASN B 11 8.78 13.30 15.48
CA ASN B 11 8.65 14.52 16.29
C ASN B 11 7.55 14.46 17.40
N LEU B 12 7.23 13.28 17.91
CA LEU B 12 6.17 13.13 18.97
C LEU B 12 6.70 13.33 20.39
N PRO B 13 5.80 13.57 21.38
CA PRO B 13 6.24 13.78 22.78
C PRO B 13 6.86 12.50 23.38
N SER B 14 7.24 12.56 24.64
CA SER B 14 7.83 11.40 25.29
C SER B 14 6.64 10.59 25.77
N ARG B 15 6.86 9.31 26.04
CA ARG B 15 5.81 8.44 26.52
C ARG B 15 5.21 8.99 27.80
N SER B 16 6.08 9.49 28.65
CA SER B 16 5.63 10.06 29.89
C SER B 16 4.73 11.28 29.56
N ASP B 17 5.14 12.15 28.62
CA ASP B 17 4.33 13.32 28.22
C ASP B 17 3.01 12.88 27.61
N VAL B 18 3.04 11.76 26.88
CA VAL B 18 1.84 11.21 26.26
C VAL B 18 0.85 10.70 27.35
N VAL B 19 1.35 9.97 28.34
CA VAL B 19 0.47 9.46 29.39
C VAL B 19 -0.19 10.66 30.11
N GLN B 20 0.65 11.64 30.42
CA GLN B 20 0.21 12.84 31.09
C GLN B 20 -0.87 13.57 30.33
N LEU B 21 -0.75 13.61 29.00
CA LEU B 21 -1.73 14.27 28.15
C LEU B 21 -3.02 13.47 28.25
N TYR B 22 -2.93 12.14 28.17
CA TYR B 22 -4.13 11.31 28.30
C TYR B 22 -4.89 11.63 29.58
N ARG B 23 -4.15 11.79 30.67
CA ARG B 23 -4.78 12.07 31.96
C ARG B 23 -5.37 13.44 32.04
N SER B 24 -4.73 14.42 31.41
CA SER B 24 -5.24 15.78 31.39
C SER B 24 -6.56 15.84 30.66
N LYS B 25 -6.69 15.00 29.65
CA LYS B 25 -7.90 15.01 28.83
C LYS B 25 -9.05 14.17 29.34
N GLY B 26 -8.75 13.22 30.21
CA GLY B 26 -9.80 12.34 30.70
C GLY B 26 -9.99 11.19 29.72
N ILE B 27 -8.92 10.80 29.03
CA ILE B 27 -8.97 9.67 28.11
C ILE B 27 -8.60 8.49 29.03
N ASN B 28 -9.55 7.59 29.23
CA ASN B 28 -9.39 6.44 30.13
C ASN B 28 -8.94 5.13 29.53
N GLY B 29 -8.60 5.12 28.24
CA GLY B 29 -8.18 3.88 27.63
C GLY B 29 -7.16 4.16 26.54
N MET B 30 -6.26 3.18 26.33
CA MET B 30 -5.18 3.24 25.38
C MET B 30 -4.88 1.93 24.67
N ARG B 31 -4.36 2.03 23.46
CA ARG B 31 -3.93 0.86 22.69
C ARG B 31 -2.49 1.09 22.18
N ILE B 32 -1.63 0.09 22.38
CA ILE B 32 -0.27 0.19 21.91
C ILE B 32 -0.07 -1.03 20.99
N TYR B 33 0.70 -0.85 19.93
CA TYR B 33 0.91 -1.89 18.91
C TYR B 33 2.01 -2.92 19.03
N PHE B 34 2.76 -2.83 20.12
CA PHE B 34 3.83 -3.75 20.44
C PHE B 34 4.13 -3.45 21.90
N ALA B 35 4.82 -4.35 22.58
CA ALA B 35 5.18 -4.12 23.97
C ALA B 35 6.26 -3.04 24.02
N ASP B 36 5.83 -1.78 23.92
CA ASP B 36 6.73 -0.64 23.96
C ASP B 36 7.03 -0.48 25.45
N GLY B 37 8.27 -0.80 25.86
CA GLY B 37 8.68 -0.70 27.26
C GLY B 37 8.70 0.69 27.86
N GLN B 38 8.74 1.68 26.98
CA GLN B 38 8.74 3.08 27.41
C GLN B 38 7.31 3.49 27.83
N ALA B 39 6.33 2.94 27.14
CA ALA B 39 4.95 3.25 27.40
C ALA B 39 4.48 2.49 28.60
N LEU B 40 4.84 1.20 28.68
CA LEU B 40 4.46 0.34 29.78
C LEU B 40 5.01 0.80 31.11
N SER B 41 6.23 1.36 31.11
CA SER B 41 6.80 1.87 32.35
C SER B 41 6.09 3.16 32.74
N ALA B 42 5.76 3.97 31.74
CA ALA B 42 5.08 5.26 31.89
C ALA B 42 3.62 5.15 32.37
N LEU B 43 2.95 4.06 31.97
CA LEU B 43 1.57 3.85 32.33
C LEU B 43 1.35 3.36 33.77
N ARG B 44 2.43 3.07 34.50
CA ARG B 44 2.27 2.57 35.86
C ARG B 44 1.45 3.47 36.77
N ASN B 45 0.39 2.93 37.35
CA ASN B 45 -0.47 3.66 38.28
C ASN B 45 -1.24 4.84 37.68
N SER B 46 -1.42 4.82 36.35
CA SER B 46 -2.12 5.90 35.62
C SER B 46 -3.63 5.67 35.53
N GLY B 47 -4.05 4.42 35.77
CA GLY B 47 -5.45 4.08 35.72
C GLY B 47 -6.00 3.96 34.30
N ILE B 48 -5.12 4.07 33.30
CA ILE B 48 -5.55 3.95 31.92
C ILE B 48 -5.66 2.45 31.53
N GLY B 49 -6.78 2.06 30.92
CA GLY B 49 -6.97 0.68 30.50
C GLY B 49 -6.23 0.46 29.19
N LEU B 50 -5.59 -0.68 29.03
CA LEU B 50 -4.77 -0.91 27.85
C LEU B 50 -5.04 -2.17 27.04
N ILE B 51 -5.02 -2.05 25.71
CA ILE B 51 -5.09 -3.21 24.80
C ILE B 51 -3.60 -3.31 24.44
N LEU B 52 -3.02 -4.49 24.54
CA LEU B 52 -1.60 -4.68 24.26
C LEU B 52 -1.39 -5.62 23.10
N ASP B 53 -1.02 -5.07 21.94
CA ASP B 53 -0.73 -5.93 20.80
C ASP B 53 0.63 -6.55 21.09
N ILE B 54 0.83 -7.77 20.59
CA ILE B 54 2.11 -8.46 20.78
C ILE B 54 3.07 -7.99 19.66
N GLY B 55 2.50 -7.51 18.56
CA GLY B 55 3.34 -7.12 17.44
C GLY B 55 3.29 -8.25 16.43
N ASN B 56 2.95 -7.94 15.19
CA ASN B 56 2.81 -8.97 14.17
C ASN B 56 4.08 -9.76 13.94
N ASP B 57 5.20 -9.10 14.20
CA ASP B 57 6.52 -9.71 14.07
C ASP B 57 6.79 -10.71 15.20
N GLN B 58 5.91 -10.75 16.22
CA GLN B 58 6.07 -11.69 17.34
C GLN B 58 5.17 -12.93 17.22
N LEU B 59 4.17 -12.81 16.35
CA LEU B 59 3.17 -13.88 16.14
C LEU B 59 3.66 -15.32 16.03
N ALA B 60 4.56 -15.58 15.08
CA ALA B 60 5.08 -16.93 14.86
C ALA B 60 5.82 -17.55 16.03
N ASN B 61 6.57 -16.73 16.76
CA ASN B 61 7.37 -17.17 17.91
C ASN B 61 6.50 -17.63 19.08
N ILE B 62 5.48 -16.84 19.38
CA ILE B 62 4.54 -17.13 20.44
C ILE B 62 3.71 -18.37 20.08
N ALA B 63 3.44 -18.56 18.80
CA ALA B 63 2.68 -19.73 18.35
C ALA B 63 3.53 -21.00 18.45
N ALA B 64 4.83 -20.81 18.30
CA ALA B 64 5.82 -21.89 18.35
C ALA B 64 5.73 -22.80 19.56
N SER B 65 5.75 -22.24 20.76
CA SER B 65 5.68 -23.06 21.96
C SER B 65 5.19 -22.25 23.13
N THR B 66 4.59 -22.94 24.10
CA THR B 66 4.08 -22.32 25.33
C THR B 66 5.18 -21.62 26.10
N SER B 67 6.39 -22.15 26.01
CA SER B 67 7.52 -21.56 26.70
C SER B 67 7.85 -20.22 26.09
N ASN B 68 7.82 -20.12 24.76
CA ASN B 68 8.11 -18.82 24.15
C ASN B 68 7.10 -17.82 24.69
N ALA B 69 5.83 -18.25 24.70
CA ALA B 69 4.71 -17.43 25.17
C ALA B 69 4.91 -17.09 26.65
N ALA B 70 5.30 -18.10 27.42
CA ALA B 70 5.58 -17.96 28.85
C ALA B 70 6.70 -16.92 29.03
N SER B 71 7.73 -17.05 28.20
CA SER B 71 8.86 -16.14 28.23
C SER B 71 8.42 -14.72 27.89
N TRP B 72 7.53 -14.59 26.90
CA TRP B 72 7.07 -13.25 26.49
C TRP B 72 6.35 -12.58 27.64
N VAL B 73 5.54 -13.39 28.32
CA VAL B 73 4.72 -12.95 29.47
C VAL B 73 5.63 -12.49 30.60
N GLN B 74 6.65 -13.29 30.90
CA GLN B 74 7.58 -12.93 31.95
C GLN B 74 8.19 -11.58 31.67
N ASN B 75 8.67 -11.37 30.46
CA ASN B 75 9.30 -10.10 30.12
C ASN B 75 8.44 -8.86 29.87
N ASN B 76 7.22 -9.04 29.35
CA ASN B 76 6.37 -7.89 28.98
C ASN B 76 5.04 -7.68 29.67
N VAL B 77 4.72 -8.51 30.65
CA VAL B 77 3.44 -8.35 31.36
C VAL B 77 3.67 -8.39 32.86
N ARG B 78 4.38 -9.42 33.31
CA ARG B 78 4.67 -9.62 34.73
C ARG B 78 5.19 -8.40 35.46
N PRO B 79 6.17 -7.70 34.90
CA PRO B 79 6.71 -6.54 35.59
C PRO B 79 5.87 -5.27 35.59
N TYR B 80 4.67 -5.30 35.00
CA TYR B 80 3.84 -4.09 34.89
C TYR B 80 2.48 -4.17 35.46
N TYR B 81 1.93 -5.37 35.48
CA TYR B 81 0.58 -5.61 35.97
C TYR B 81 0.64 -5.90 37.47
N PRO B 82 -0.40 -5.53 38.24
CA PRO B 82 -1.64 -4.85 37.87
C PRO B 82 -1.48 -3.34 37.99
N ALA B 83 -0.24 -2.87 38.02
CA ALA B 83 0.04 -1.44 38.12
C ALA B 83 -0.34 -0.78 36.80
N VAL B 84 -0.27 -1.56 35.72
CA VAL B 84 -0.64 -1.11 34.38
C VAL B 84 -1.89 -1.96 34.12
N ASN B 85 -3.00 -1.32 33.79
CA ASN B 85 -4.21 -2.08 33.58
C ASN B 85 -4.39 -2.77 32.22
N ILE B 86 -3.59 -3.80 31.96
CA ILE B 86 -3.69 -4.55 30.72
C ILE B 86 -5.01 -5.32 30.75
N LYS B 87 -5.93 -4.96 29.86
CA LYS B 87 -7.22 -5.58 29.77
C LYS B 87 -7.28 -6.66 28.71
N TYR B 88 -6.61 -6.41 27.59
CA TYR B 88 -6.61 -7.37 26.49
C TYR B 88 -5.23 -7.41 25.88
N ILE B 89 -4.89 -8.55 25.31
CA ILE B 89 -3.64 -8.68 24.58
C ILE B 89 -4.09 -9.17 23.22
N ALA B 90 -3.68 -8.48 22.17
CA ALA B 90 -4.08 -8.81 20.81
C ALA B 90 -3.03 -9.63 20.14
N ALA B 91 -3.36 -10.89 19.92
CA ALA B 91 -2.46 -11.77 19.24
C ALA B 91 -2.60 -11.58 17.73
N GLY B 92 -2.10 -10.46 17.22
CA GLY B 92 -2.13 -10.19 15.80
C GLY B 92 -3.02 -9.01 15.46
N ASN B 93 -2.61 -8.24 14.46
CA ASN B 93 -3.37 -7.08 13.99
C ASN B 93 -3.48 -7.13 12.47
N GLU B 94 -4.66 -7.46 11.99
CA GLU B 94 -4.90 -7.56 10.55
C GLU B 94 -3.92 -8.51 9.83
N VAL B 95 -3.66 -9.66 10.43
CA VAL B 95 -2.76 -10.65 9.85
C VAL B 95 -3.47 -11.27 8.64
N GLN B 96 -2.75 -11.38 7.52
CA GLN B 96 -3.30 -11.92 6.29
C GLN B 96 -2.39 -13.03 5.79
N GLY B 97 -2.90 -13.89 4.92
CA GLY B 97 -2.07 -14.94 4.35
C GLY B 97 -1.87 -16.15 5.23
N GLY B 98 -0.83 -16.92 4.95
CA GLY B 98 -0.57 -18.11 5.71
C GLY B 98 -0.23 -17.80 7.14
N ALA B 99 0.04 -16.55 7.45
CA ALA B 99 0.36 -16.21 8.82
C ALA B 99 -0.87 -16.32 9.72
N THR B 100 -2.05 -16.27 9.11
CA THR B 100 -3.27 -16.37 9.88
C THR B 100 -3.39 -17.75 10.50
N GLN B 101 -2.49 -18.67 10.18
CA GLN B 101 -2.58 -20.00 10.77
C GLN B 101 -1.94 -20.03 12.16
N SER B 102 -1.12 -19.02 12.42
CA SER B 102 -0.45 -18.87 13.69
C SER B 102 -1.29 -18.19 14.77
N ILE B 103 -2.46 -17.67 14.40
CA ILE B 103 -3.33 -16.97 15.34
C ILE B 103 -3.91 -17.87 16.44
N LEU B 104 -4.48 -19.01 16.06
CA LEU B 104 -5.04 -19.88 17.08
C LEU B 104 -3.93 -20.39 18.02
N PRO B 105 -2.83 -20.95 17.46
CA PRO B 105 -1.79 -21.42 18.38
C PRO B 105 -1.25 -20.34 19.32
N ALA B 106 -1.01 -19.12 18.85
CA ALA B 106 -0.50 -18.06 19.74
C ALA B 106 -1.52 -17.75 20.84
N MET B 107 -2.80 -17.65 20.46
CA MET B 107 -3.87 -17.41 21.42
C MET B 107 -3.92 -18.50 22.48
N ARG B 108 -3.82 -19.77 22.07
CA ARG B 108 -3.85 -20.88 23.01
C ARG B 108 -2.63 -20.86 23.92
N ASN B 109 -1.45 -20.66 23.35
CA ASN B 109 -0.22 -20.62 24.15
C ASN B 109 -0.23 -19.49 25.15
N LEU B 110 -0.72 -18.34 24.71
CA LEU B 110 -0.81 -17.13 25.53
C LEU B 110 -1.76 -17.39 26.75
N ASN B 111 -2.91 -18.02 26.51
CA ASN B 111 -3.85 -18.38 27.60
C ASN B 111 -3.21 -19.30 28.63
N ALA B 112 -2.57 -20.33 28.14
CA ALA B 112 -1.89 -21.32 28.97
C ALA B 112 -0.91 -20.62 29.93
N ALA B 113 -0.09 -19.74 29.36
CA ALA B 113 0.93 -18.99 30.09
C ALA B 113 0.37 -17.97 31.09
N LEU B 114 -0.76 -17.35 30.77
CA LEU B 114 -1.33 -16.39 31.71
C LEU B 114 -1.97 -17.14 32.89
N SER B 115 -2.58 -18.30 32.64
CA SER B 115 -3.14 -19.05 33.75
C SER B 115 -2.01 -19.49 34.67
N ALA B 116 -0.99 -20.11 34.08
CA ALA B 116 0.17 -20.58 34.81
C ALA B 116 0.71 -19.46 35.69
N ALA B 117 0.77 -18.25 35.17
CA ALA B 117 1.27 -17.12 35.96
C ALA B 117 0.24 -16.66 36.99
N GLY B 118 -1.00 -17.10 36.82
CA GLY B 118 -2.04 -16.68 37.72
C GLY B 118 -2.49 -15.30 37.28
N LEU B 119 -2.55 -15.11 35.96
CA LEU B 119 -2.94 -13.85 35.36
C LEU B 119 -4.16 -14.03 34.48
N GLY B 120 -5.06 -14.91 34.91
CA GLY B 120 -6.27 -15.17 34.15
C GLY B 120 -7.23 -14.00 33.90
N ALA B 121 -7.10 -12.90 34.62
CA ALA B 121 -8.00 -11.77 34.41
C ALA B 121 -7.75 -11.01 33.12
N ILE B 122 -6.59 -11.24 32.52
CA ILE B 122 -6.22 -10.58 31.27
C ILE B 122 -6.75 -11.44 30.09
N LYS B 123 -7.63 -10.87 29.26
CA LYS B 123 -8.24 -11.59 28.15
C LYS B 123 -7.40 -11.49 26.87
N VAL B 124 -7.31 -12.63 26.17
CA VAL B 124 -6.53 -12.78 24.93
C VAL B 124 -7.46 -12.76 23.72
N SER B 125 -7.15 -11.97 22.72
CA SER B 125 -8.00 -11.90 21.54
C SER B 125 -7.15 -11.63 20.28
N THR B 126 -7.80 -11.15 19.22
CA THR B 126 -7.08 -10.78 18.00
C THR B 126 -7.81 -9.62 17.35
N SER B 127 -7.11 -8.78 16.62
CA SER B 127 -7.69 -7.61 15.97
C SER B 127 -7.87 -7.78 14.44
N ILE B 128 -9.12 -7.80 13.96
CA ILE B 128 -9.36 -7.99 12.54
C ILE B 128 -9.77 -6.75 11.73
N ARG B 129 -9.72 -6.85 10.40
CA ARG B 129 -10.16 -5.77 9.52
C ARG B 129 -11.62 -6.08 9.20
N PHE B 130 -12.40 -5.06 8.88
CA PHE B 130 -13.79 -5.28 8.54
C PHE B 130 -13.89 -6.23 7.32
N ASP B 131 -12.88 -6.17 6.44
CA ASP B 131 -12.84 -6.98 5.21
C ASP B 131 -12.90 -8.49 5.45
N GLU B 132 -12.89 -8.91 6.72
CA GLU B 132 -12.99 -10.32 7.07
C GLU B 132 -14.44 -10.79 6.99
N VAL B 133 -15.35 -9.81 6.97
CA VAL B 133 -16.78 -10.04 6.95
C VAL B 133 -17.32 -9.82 5.56
N ALA B 134 -17.90 -10.89 5.02
CA ALA B 134 -18.49 -10.87 3.69
C ALA B 134 -19.96 -10.59 3.84
N ASN B 135 -20.54 -10.03 2.78
CA ASN B 135 -21.95 -9.72 2.73
C ASN B 135 -22.45 -8.92 3.92
N SER B 136 -21.79 -7.79 4.10
CA SER B 136 -22.09 -6.86 5.15
C SER B 136 -23.37 -6.09 4.94
N PHE B 137 -24.01 -6.23 3.77
CA PHE B 137 -25.30 -5.58 3.56
C PHE B 137 -26.39 -6.49 2.95
N PRO B 138 -27.56 -6.61 3.65
CA PRO B 138 -27.82 -5.92 4.92
C PRO B 138 -26.97 -6.50 6.04
N PRO B 139 -26.75 -5.75 7.15
CA PRO B 139 -25.94 -6.24 8.28
C PRO B 139 -26.18 -7.71 8.71
N SER B 140 -27.45 -8.09 8.81
CA SER B 140 -27.84 -9.45 9.22
C SER B 140 -27.23 -10.53 8.35
N ALA B 141 -26.82 -10.15 7.14
CA ALA B 141 -26.20 -11.03 6.14
C ALA B 141 -24.73 -11.36 6.35
N GLY B 142 -24.01 -10.54 7.13
CA GLY B 142 -22.59 -10.79 7.34
C GLY B 142 -22.24 -12.22 7.70
N VAL B 143 -21.09 -12.68 7.22
CA VAL B 143 -20.60 -14.04 7.49
C VAL B 143 -19.10 -13.98 7.31
N PHE B 144 -18.37 -14.80 8.07
CA PHE B 144 -16.92 -14.83 7.98
C PHE B 144 -16.41 -15.44 6.68
N LYS B 145 -15.60 -14.65 5.99
CA LYS B 145 -15.00 -14.95 4.70
C LYS B 145 -13.91 -16.00 4.79
N ASN B 146 -13.13 -15.96 5.85
CA ASN B 146 -12.05 -16.92 6.02
C ASN B 146 -12.39 -17.99 7.03
N ALA B 147 -11.90 -19.20 6.79
CA ALA B 147 -12.20 -20.33 7.66
C ALA B 147 -11.62 -20.27 9.05
N TYR B 148 -10.51 -19.55 9.20
CA TYR B 148 -9.85 -19.46 10.48
C TYR B 148 -10.62 -18.67 11.53
N MET B 149 -11.51 -17.79 11.08
CA MET B 149 -12.31 -16.98 12.00
C MET B 149 -13.37 -17.76 12.78
N THR B 150 -13.74 -18.92 12.25
CA THR B 150 -14.70 -19.77 12.92
C THR B 150 -14.02 -20.38 14.13
N ASP B 151 -12.73 -20.68 14.03
CA ASP B 151 -12.05 -21.27 15.17
C ASP B 151 -11.70 -20.19 16.15
N VAL B 152 -11.37 -19.02 15.64
CA VAL B 152 -11.04 -17.91 16.52
C VAL B 152 -12.28 -17.56 17.35
N ALA B 153 -13.44 -17.44 16.69
CA ALA B 153 -14.70 -17.10 17.35
C ALA B 153 -15.14 -18.11 18.39
N ARG B 154 -14.91 -19.38 18.12
CA ARG B 154 -15.27 -20.42 19.05
C ARG B 154 -14.35 -20.49 20.27
N LEU B 155 -13.10 -20.03 20.10
CA LEU B 155 -12.12 -20.00 21.17
C LEU B 155 -12.47 -18.84 22.08
N LEU B 156 -12.83 -17.73 21.49
CA LEU B 156 -13.19 -16.56 22.28
C LEU B 156 -14.44 -16.89 23.09
N ALA B 157 -15.37 -17.63 22.48
CA ALA B 157 -16.61 -17.99 23.17
C ALA B 157 -16.42 -18.83 24.42
N SER B 158 -15.39 -19.68 24.42
CA SER B 158 -15.13 -20.55 25.54
C SER B 158 -14.22 -19.95 26.59
N THR B 159 -13.45 -18.94 26.19
CA THR B 159 -12.55 -18.28 27.12
C THR B 159 -13.19 -17.01 27.60
N GLY B 160 -14.27 -16.59 26.98
CA GLY B 160 -14.93 -15.38 27.43
C GLY B 160 -14.14 -14.15 27.12
N ALA B 161 -13.45 -14.16 25.96
CA ALA B 161 -12.67 -13.02 25.48
C ALA B 161 -13.47 -12.41 24.33
N PRO B 162 -13.31 -11.09 24.09
CA PRO B 162 -14.07 -10.48 22.98
C PRO B 162 -13.27 -10.43 21.68
N LEU B 163 -13.93 -9.98 20.63
CA LEU B 163 -13.30 -9.83 19.33
C LEU B 163 -12.96 -8.35 19.19
N LEU B 164 -11.71 -8.06 18.87
CA LEU B 164 -11.27 -6.68 18.67
C LEU B 164 -11.43 -6.51 17.16
N ALA B 165 -12.16 -5.47 16.73
CA ALA B 165 -12.42 -5.20 15.32
C ALA B 165 -12.12 -3.76 14.95
N ASN B 166 -11.41 -3.57 13.84
CA ASN B 166 -11.03 -2.26 13.34
C ASN B 166 -12.15 -1.89 12.34
N VAL B 167 -12.94 -0.86 12.68
CA VAL B 167 -14.12 -0.48 11.89
C VAL B 167 -14.06 0.93 11.42
N TYR B 168 -14.04 1.08 10.09
CA TYR B 168 -13.94 2.39 9.51
C TYR B 168 -15.00 2.85 8.54
N PRO B 169 -16.04 3.54 9.05
CA PRO B 169 -17.09 4.04 8.14
C PRO B 169 -16.43 4.82 6.99
N TYR B 170 -15.34 5.51 7.31
CA TYR B 170 -14.56 6.29 6.36
C TYR B 170 -14.13 5.48 5.14
N PHE B 171 -13.40 4.40 5.36
CA PHE B 171 -12.90 3.56 4.27
C PHE B 171 -14.06 2.98 3.48
N ALA B 172 -15.21 2.81 4.12
CA ALA B 172 -16.37 2.29 3.42
C ALA B 172 -16.86 3.40 2.48
N TYR B 173 -17.02 4.60 3.05
CA TYR B 173 -17.51 5.74 2.31
C TYR B 173 -16.63 6.05 1.09
N ARG B 174 -15.32 6.12 1.33
CA ARG B 174 -14.35 6.42 0.31
C ARG B 174 -14.37 5.45 -0.90
N ASP B 175 -14.54 4.15 -0.64
CA ASP B 175 -14.60 3.14 -1.70
C ASP B 175 -15.94 3.12 -2.45
N ASN B 176 -16.96 3.76 -1.89
CA ASN B 176 -18.28 3.78 -2.48
C ASN B 176 -18.98 5.12 -2.31
N PRO B 177 -18.41 6.19 -2.87
CA PRO B 177 -19.03 7.51 -2.74
C PRO B 177 -20.47 7.58 -3.29
N GLY B 178 -20.74 6.81 -4.34
CA GLY B 178 -22.05 6.83 -4.95
C GLY B 178 -23.04 5.81 -4.44
N SER B 179 -22.81 5.30 -3.24
CA SER B 179 -23.68 4.32 -2.62
C SER B 179 -23.86 4.69 -1.15
N ILE B 180 -22.90 5.40 -0.58
CA ILE B 180 -23.04 5.82 0.81
C ILE B 180 -23.07 7.34 0.80
N SER B 181 -23.88 7.89 1.69
CA SER B 181 -24.00 9.34 1.86
C SER B 181 -23.05 9.75 2.96
N LEU B 182 -22.65 11.02 2.99
CA LEU B 182 -21.70 11.52 3.99
C LEU B 182 -22.31 11.63 5.37
N ASN B 183 -23.58 11.98 5.44
CA ASN B 183 -24.32 12.10 6.69
C ASN B 183 -24.41 10.77 7.47
N TYR B 184 -24.79 9.72 6.75
CA TYR B 184 -24.92 8.37 7.25
C TYR B 184 -23.52 7.97 7.81
N ALA B 185 -22.45 8.33 7.10
CA ALA B 185 -21.11 7.98 7.57
C ALA B 185 -20.60 8.83 8.74
N THR B 186 -21.11 10.05 8.90
CA THR B 186 -20.62 10.93 9.94
C THR B 186 -21.50 11.17 11.14
N PHE B 187 -22.41 10.26 11.41
CA PHE B 187 -23.34 10.40 12.55
C PHE B 187 -24.34 11.55 12.39
N GLN B 188 -24.63 11.97 11.16
CA GLN B 188 -25.60 13.03 10.92
C GLN B 188 -26.92 12.41 10.47
N PRO B 189 -28.03 13.05 10.83
CA PRO B 189 -29.37 12.58 10.46
C PRO B 189 -29.66 12.71 8.98
N GLY B 190 -30.61 11.92 8.51
CA GLY B 190 -30.97 11.98 7.11
C GLY B 190 -31.18 10.64 6.44
N THR B 191 -30.40 9.63 6.80
CA THR B 191 -30.52 8.30 6.20
C THR B 191 -31.15 7.29 7.14
N THR B 192 -32.03 6.48 6.57
CA THR B 192 -32.70 5.44 7.29
C THR B 192 -32.72 4.25 6.39
N VAL B 193 -32.20 3.14 6.87
CA VAL B 193 -32.13 1.93 6.10
C VAL B 193 -32.81 0.84 6.92
N ARG B 194 -33.69 0.06 6.33
CA ARG B 194 -34.31 -1.01 7.09
C ARG B 194 -33.69 -2.38 6.72
N ASP B 195 -33.20 -3.10 7.73
CA ASP B 195 -32.68 -4.43 7.48
C ASP B 195 -33.89 -5.29 7.18
N GLN B 196 -34.04 -5.65 5.91
CA GLN B 196 -35.15 -6.47 5.42
C GLN B 196 -35.30 -7.84 6.08
N ASN B 197 -34.17 -8.43 6.50
CA ASN B 197 -34.14 -9.75 7.12
C ASN B 197 -34.66 -9.86 8.53
N ASN B 198 -34.49 -8.81 9.33
CA ASN B 198 -34.93 -8.87 10.70
C ASN B 198 -35.69 -7.64 11.11
N GLY B 199 -35.86 -6.71 10.19
CA GLY B 199 -36.64 -5.53 10.47
C GLY B 199 -35.94 -4.43 11.23
N LEU B 200 -34.69 -4.65 11.62
CA LEU B 200 -33.94 -3.62 12.33
C LEU B 200 -33.73 -2.42 11.42
N THR B 201 -33.65 -1.22 12.00
CA THR B 201 -33.46 0.05 11.28
C THR B 201 -32.10 0.69 11.56
N TYR B 202 -31.36 1.03 10.51
CA TYR B 202 -30.08 1.67 10.73
C TYR B 202 -30.07 3.15 10.32
N THR B 203 -29.28 3.94 11.06
CA THR B 203 -29.17 5.37 10.74
C THR B 203 -27.72 5.85 10.55
N SER B 204 -26.74 5.02 10.95
CA SER B 204 -25.34 5.36 10.80
C SER B 204 -24.63 4.14 10.28
N LEU B 205 -23.62 4.39 9.44
CA LEU B 205 -22.83 3.35 8.82
C LEU B 205 -22.07 2.56 9.87
N PHE B 206 -21.62 3.24 10.92
CA PHE B 206 -20.90 2.63 12.03
C PHE B 206 -21.69 1.43 12.64
N ASP B 207 -22.94 1.69 13.02
CA ASP B 207 -23.82 0.68 13.60
C ASP B 207 -24.07 -0.46 12.66
N ALA B 208 -24.27 -0.11 11.39
CA ALA B 208 -24.51 -1.11 10.37
C ALA B 208 -23.28 -2.01 10.19
N MET B 209 -22.08 -1.45 10.35
CA MET B 209 -20.84 -2.23 10.20
C MET B 209 -20.54 -3.11 11.40
N VAL B 210 -20.87 -2.62 12.61
CA VAL B 210 -20.67 -3.37 13.87
C VAL B 210 -21.66 -4.52 13.91
N ASP B 211 -22.88 -4.28 13.46
CA ASP B 211 -23.91 -5.33 13.46
C ASP B 211 -23.68 -6.46 12.45
N ALA B 212 -22.82 -6.16 11.48
CA ALA B 212 -22.41 -7.17 10.50
C ALA B 212 -21.39 -8.14 11.18
N VAL B 213 -20.64 -7.65 12.16
CA VAL B 213 -19.68 -8.49 12.86
C VAL B 213 -20.46 -9.40 13.83
N TYR B 214 -21.56 -8.89 14.39
CA TYR B 214 -22.41 -9.66 15.30
C TYR B 214 -23.05 -10.83 14.54
N ALA B 215 -23.61 -10.53 13.37
CA ALA B 215 -24.23 -11.55 12.51
C ALA B 215 -23.26 -12.69 12.15
N ALA B 216 -22.03 -12.33 11.78
CA ALA B 216 -20.96 -13.26 11.43
C ALA B 216 -20.60 -14.16 12.61
N LEU B 217 -20.46 -13.53 13.79
CA LEU B 217 -20.15 -14.25 15.02
C LEU B 217 -21.20 -15.32 15.35
N GLU B 218 -22.47 -15.01 15.17
CA GLU B 218 -23.51 -15.98 15.44
C GLU B 218 -23.39 -17.11 14.45
N LYS B 219 -23.19 -16.77 13.18
CA LYS B 219 -23.07 -17.81 12.18
C LYS B 219 -21.88 -18.76 12.46
N ALA B 220 -20.85 -18.28 13.15
CA ALA B 220 -19.68 -19.12 13.47
C ALA B 220 -19.95 -19.96 14.70
N GLY B 221 -21.13 -19.74 15.29
CA GLY B 221 -21.58 -20.43 16.49
C GLY B 221 -21.04 -19.76 17.74
N ALA B 222 -20.89 -18.45 17.72
CA ALA B 222 -20.38 -17.73 18.89
C ALA B 222 -21.17 -16.43 19.07
N PRO B 223 -22.47 -16.54 19.40
CA PRO B 223 -23.50 -15.52 19.64
C PRO B 223 -23.33 -14.58 20.84
N ALA B 224 -22.84 -15.07 21.97
CA ALA B 224 -22.68 -14.24 23.16
C ALA B 224 -21.35 -13.51 23.23
N VAL B 225 -20.53 -13.64 22.18
CA VAL B 225 -19.20 -12.99 22.09
C VAL B 225 -19.35 -11.48 21.86
N LYS B 226 -18.73 -10.67 22.73
CA LYS B 226 -18.79 -9.21 22.66
C LYS B 226 -17.78 -8.62 21.68
N VAL B 227 -18.08 -7.44 21.15
CA VAL B 227 -17.18 -6.75 20.21
C VAL B 227 -16.61 -5.51 20.88
N VAL B 228 -15.33 -5.29 20.68
CA VAL B 228 -14.67 -4.08 21.18
C VAL B 228 -14.18 -3.48 19.86
N VAL B 229 -14.52 -2.22 19.58
CA VAL B 229 -14.07 -1.59 18.34
C VAL B 229 -12.70 -1.08 18.71
N SER B 230 -11.65 -1.77 18.26
CA SER B 230 -10.29 -1.37 18.62
C SER B 230 -9.66 -0.26 17.79
N GLU B 231 -10.39 0.22 16.79
CA GLU B 231 -9.91 1.31 15.92
C GLU B 231 -11.05 1.85 15.12
N SER B 232 -11.16 3.17 15.05
CA SER B 232 -12.15 3.85 14.23
C SER B 232 -11.72 5.30 14.23
N GLY B 233 -11.65 5.92 13.05
CA GLY B 233 -11.24 7.31 12.96
C GLY B 233 -11.53 7.97 11.60
N TRP B 234 -11.04 9.19 11.38
CA TRP B 234 -11.31 9.91 10.14
C TRP B 234 -10.18 10.87 9.90
N PRO B 235 -9.58 10.81 8.72
CA PRO B 235 -8.46 11.68 8.36
C PRO B 235 -8.80 13.16 8.21
N SER B 236 -7.90 14.01 8.70
CA SER B 236 -8.11 15.45 8.62
C SER B 236 -7.51 16.10 7.35
N ALA B 237 -6.79 15.31 6.55
CA ALA B 237 -6.21 15.82 5.32
C ALA B 237 -5.69 14.72 4.47
N GLY B 238 -5.22 15.09 3.28
CA GLY B 238 -4.61 14.16 2.36
C GLY B 238 -5.47 13.36 1.42
N GLY B 239 -6.77 13.60 1.37
CA GLY B 239 -7.56 12.75 0.49
C GLY B 239 -9.02 13.09 0.44
N PHE B 240 -9.77 12.23 -0.25
CA PHE B 240 -11.18 12.35 -0.46
C PHE B 240 -11.95 12.44 0.87
N ALA B 241 -12.72 13.52 1.00
CA ALA B 241 -13.55 13.79 2.16
C ALA B 241 -12.76 13.95 3.45
N ALA B 242 -11.46 14.11 3.33
CA ALA B 242 -10.65 14.25 4.52
C ALA B 242 -10.50 15.70 4.80
N SER B 243 -11.08 16.17 5.89
CA SER B 243 -10.95 17.58 6.26
C SER B 243 -11.05 17.66 7.75
N ALA B 244 -10.68 18.81 8.29
CA ALA B 244 -10.71 19.02 9.73
C ALA B 244 -12.14 18.96 10.26
N GLY B 245 -13.06 19.50 9.46
CA GLY B 245 -14.47 19.54 9.81
C GLY B 245 -15.09 18.16 9.77
N ASN B 246 -14.80 17.40 8.72
CA ASN B 246 -15.30 16.05 8.63
C ASN B 246 -14.74 15.24 9.81
N ALA B 247 -13.43 15.26 10.02
CA ALA B 247 -12.78 14.55 11.14
C ALA B 247 -13.38 14.93 12.50
N ARG B 248 -13.69 16.21 12.72
CA ARG B 248 -14.30 16.61 14.00
C ARG B 248 -15.71 15.97 14.13
N THR B 249 -16.50 16.10 13.08
CA THR B 249 -17.84 15.55 13.02
C THR B 249 -17.86 14.06 13.32
N TYR B 250 -17.00 13.30 12.65
CA TYR B 250 -16.95 11.87 12.89
C TYR B 250 -16.49 11.49 14.32
N ASN B 251 -15.34 12.02 14.72
CA ASN B 251 -14.81 11.68 16.03
C ASN B 251 -15.64 12.16 17.20
N GLN B 252 -16.16 13.38 17.10
CA GLN B 252 -17.00 13.90 18.18
C GLN B 252 -18.31 13.10 18.13
N GLY B 253 -18.77 12.76 16.93
CA GLY B 253 -20.00 11.97 16.80
C GLY B 253 -19.86 10.58 17.41
N LEU B 254 -18.70 9.98 17.18
CA LEU B 254 -18.40 8.65 17.68
C LEU B 254 -18.47 8.67 19.21
N ILE B 255 -17.74 9.59 19.83
CA ILE B 255 -17.72 9.72 21.29
C ILE B 255 -19.14 9.87 21.88
N ASN B 256 -19.97 10.72 21.27
CA ASN B 256 -21.32 10.96 21.75
C ASN B 256 -22.29 9.83 21.49
N HIS B 257 -21.94 8.96 20.55
CA HIS B 257 -22.74 7.82 20.10
C HIS B 257 -22.60 6.46 20.77
N VAL B 258 -21.36 6.03 20.92
CA VAL B 258 -21.03 4.72 21.47
C VAL B 258 -21.68 4.26 22.79
N GLY B 259 -22.15 5.19 23.63
CA GLY B 259 -22.78 4.79 24.88
C GLY B 259 -24.14 4.16 24.72
N GLY B 260 -24.81 4.44 23.58
CA GLY B 260 -26.12 3.89 23.32
C GLY B 260 -26.14 2.52 22.61
N GLY B 261 -24.98 1.98 22.25
CA GLY B 261 -24.94 0.69 21.59
C GLY B 261 -25.40 0.75 20.15
N THR B 262 -25.80 -0.39 19.62
CA THR B 262 -26.28 -0.48 18.25
C THR B 262 -27.60 -1.23 18.29
N PRO B 263 -28.36 -1.20 17.20
CA PRO B 263 -29.65 -1.89 17.14
C PRO B 263 -29.61 -3.38 17.49
N LYS B 264 -28.45 -4.02 17.47
CA LYS B 264 -28.41 -5.44 17.83
C LYS B 264 -28.13 -5.70 19.30
N LYS B 265 -27.30 -4.83 19.88
CA LYS B 265 -26.92 -4.95 21.27
C LYS B 265 -26.87 -3.53 21.88
N ARG B 266 -27.92 -3.19 22.60
CA ARG B 266 -28.00 -1.90 23.25
C ARG B 266 -27.27 -1.87 24.61
N GLU B 267 -25.95 -1.82 24.54
CA GLU B 267 -25.08 -1.72 25.69
C GLU B 267 -23.96 -0.78 25.23
N ALA B 268 -23.34 -0.06 26.16
CA ALA B 268 -22.25 0.83 25.81
C ALA B 268 -21.17 0.00 25.11
N LEU B 269 -20.80 0.40 23.89
CA LEU B 269 -19.77 -0.33 23.12
C LEU B 269 -18.36 0.21 23.39
N GLU B 270 -17.43 -0.67 23.81
CA GLU B 270 -16.06 -0.26 24.10
C GLU B 270 -15.43 0.21 22.82
N THR B 271 -14.95 1.44 22.79
CA THR B 271 -14.37 1.99 21.57
C THR B 271 -13.04 2.78 21.71
N TYR B 272 -12.16 2.58 20.73
CA TYR B 272 -10.87 3.23 20.69
C TYR B 272 -10.73 4.01 19.39
N ILE B 273 -10.48 5.32 19.53
CA ILE B 273 -10.30 6.24 18.40
C ILE B 273 -8.90 6.15 17.81
N PHE B 274 -8.78 5.90 16.50
CA PHE B 274 -7.47 5.87 15.87
C PHE B 274 -7.24 7.25 15.26
N ALA B 275 -6.21 8.02 15.66
CA ALA B 275 -5.17 7.76 16.66
C ALA B 275 -4.94 9.03 17.45
N MET B 276 -4.04 8.97 18.43
CA MET B 276 -3.74 10.14 19.27
C MET B 276 -3.06 11.31 18.54
N PHE B 277 -2.06 11.01 17.72
CA PHE B 277 -1.31 12.06 16.99
C PHE B 277 -1.22 11.75 15.49
N ASN B 278 -0.85 12.76 14.73
CA ASN B 278 -0.61 12.58 13.32
C ASN B 278 0.77 11.94 13.26
N GLU B 279 0.92 10.84 12.52
CA GLU B 279 2.22 10.19 12.42
C GLU B 279 2.86 10.46 11.07
N ASN B 280 3.72 11.45 11.04
CA ASN B 280 4.36 11.84 9.80
C ASN B 280 5.23 10.80 9.07
N GLN B 281 5.59 9.68 9.72
CA GLN B 281 6.41 8.68 9.03
C GLN B 281 5.63 7.50 8.43
N LYS B 282 4.29 7.59 8.42
CA LYS B 282 3.48 6.54 7.82
C LYS B 282 3.53 6.60 6.30
N THR B 283 3.89 5.47 5.71
CA THR B 283 3.98 5.37 4.27
C THR B 283 2.61 5.02 3.70
N GLY B 284 2.44 5.30 2.41
CA GLY B 284 1.17 5.01 1.76
C GLY B 284 0.43 6.25 1.36
N ASP B 285 -0.89 6.19 1.52
CA ASP B 285 -1.80 7.28 1.19
C ASP B 285 -1.51 8.45 2.13
N ALA B 286 -1.73 9.68 1.68
CA ALA B 286 -1.45 10.80 2.57
C ALA B 286 -2.38 10.87 3.77
N THR B 287 -3.53 10.18 3.70
CA THR B 287 -4.51 10.18 4.81
C THR B 287 -3.96 9.52 6.06
N GLU B 288 -3.08 8.54 5.85
CA GLU B 288 -2.41 7.77 6.89
C GLU B 288 -1.63 8.66 7.82
N ARG B 289 -1.14 9.75 7.27
CA ARG B 289 -0.33 10.68 8.04
C ARG B 289 -1.13 11.79 8.71
N SER B 290 -2.45 11.72 8.64
CA SER B 290 -3.29 12.72 9.25
C SER B 290 -4.54 12.18 9.98
N PHE B 291 -4.37 11.14 10.80
CA PHE B 291 -5.48 10.54 11.55
C PHE B 291 -5.48 10.99 13.00
N GLY B 292 -4.62 11.93 13.35
CA GLY B 292 -4.55 12.35 14.73
C GLY B 292 -5.57 13.31 15.34
N LEU B 293 -5.92 13.07 16.60
CA LEU B 293 -6.79 13.98 17.34
C LEU B 293 -5.87 15.16 17.72
N PHE B 294 -4.60 14.84 17.95
CA PHE B 294 -3.62 15.84 18.32
C PHE B 294 -2.42 16.01 17.33
N ASN B 295 -1.88 17.22 17.32
CA ASN B 295 -0.73 17.54 16.51
C ASN B 295 0.48 17.08 17.33
N PRO B 296 1.62 16.83 16.67
CA PRO B 296 2.80 16.37 17.42
C PRO B 296 3.19 17.26 18.60
N ASP B 297 2.84 18.54 18.57
CA ASP B 297 3.20 19.45 19.67
C ASP B 297 2.19 19.49 20.78
N LYS B 298 1.31 18.48 20.82
CA LYS B 298 0.28 18.35 21.85
C LYS B 298 -0.94 19.27 21.71
N SER B 299 -0.91 20.18 20.75
CA SER B 299 -2.03 21.05 20.54
C SER B 299 -3.07 20.29 19.70
N PRO B 300 -4.35 20.50 20.01
CA PRO B 300 -5.47 19.86 19.33
C PRO B 300 -5.49 20.05 17.84
N ALA B 301 -5.69 18.99 17.10
CA ALA B 301 -5.75 19.12 15.65
C ALA B 301 -7.09 19.76 15.25
N TYR B 302 -8.07 19.64 16.12
CA TYR B 302 -9.45 20.16 15.96
C TYR B 302 -10.08 19.97 17.33
N ASN B 303 -11.18 20.67 17.60
CA ASN B 303 -11.78 20.58 18.91
C ASN B 303 -12.62 19.36 19.22
N ILE B 304 -12.29 18.73 20.33
CA ILE B 304 -12.99 17.55 20.75
C ILE B 304 -13.17 17.54 22.25
N GLN B 305 -14.39 17.22 22.67
CA GLN B 305 -14.73 17.13 24.08
C GLN B 305 -14.82 15.65 24.40
N PHE B 306 -13.95 15.19 25.29
CA PHE B 306 -13.94 13.80 25.69
C PHE B 306 -14.93 13.42 26.81
#